data_2Z93
#
_entry.id   2Z93
#
_cell.length_a   80.725
_cell.length_b   45.410
_cell.length_c   122.371
_cell.angle_alpha   90.00
_cell.angle_beta   98.90
_cell.angle_gamma   90.00
#
_symmetry.space_group_name_H-M   'P 1 21 1'
#
loop_
_entity.id
_entity.type
_entity.pdbx_description
1 polymer 'Anti-ciguatoxin antibody 10C9 Fab heavy chain'
2 polymer 'Anti-ciguatoxin antibody 10C9 Fab light chain'
3 non-polymer 1,6:5,9:8,12:11,16-TETRAANHYDRO-2,3,4,10,13,14-HEXADEOXY-D-GLYCERO-D-ALLO-D-GULO-HEPTADECA-2,13-DIENITOL
4 water water
#
loop_
_entity_poly.entity_id
_entity_poly.type
_entity_poly.pdbx_seq_one_letter_code
_entity_poly.pdbx_strand_id
1 'polypeptide(L)'
;QLLESGPDLVKPSQSLSLTCTVTGYSITSGYNWHWIRQFPGNKLEWMGYIHYRGTTNYNTSLKSRISITRDSSKNQFFLQ
LNSVTTEDTATYYCACDDFYSDYWGQGTIVTVSSAKTTPPSVYPLAPGSAAQTNSMVTLGCLVKGYFPEPVTVTWNSGSL
SSGVHTFPAVLQSDLYTLSSSVTVPSSTWPSETVTCNVAHPASSTKVDKKIVPRDCTS
;
A,C
2 'polypeptide(L)'
;ELVMTQTPAIMSASPGEKVTMTCSASSSVSSVHWYQQKSGTSPKRWIYDTSKLPSGVPGRFSGSGSGTSYSLTISSMEAE
DAATYYCQQWSSNPPTFGAGTKLEVKRADAAPTVSIFPPSSEQLTSGGASVVCFLNNFYPKDINVKWKIDGSERQNGVLN
SWTDQDSKDSTYSMSSTLTLTKDEYERHNSYTCEATHKTSTSPIVKSFNRNEC
;
B,D
#
loop_
_chem_comp.id
_chem_comp.type
_chem_comp.name
_chem_comp.formula
END non-polymer 1,6:5,9:8,12:11,16-TETRAANHYDRO-2,3,4,10,13,14-HEXADEOXY-D-GLYCERO-D-ALLO-D-GULO-HEPTADECA-2,13-DIENITOL 'C17 H24 O7'
#
# COMPACT_ATOMS: atom_id res chain seq x y z
N THR A 117 -5.46 19.21 18.39
CA THR A 117 -6.20 18.74 17.18
C THR A 117 -6.13 17.22 17.09
N THR A 118 -7.16 16.61 16.51
CA THR A 118 -7.20 15.15 16.39
C THR A 118 -8.07 14.70 15.23
N PRO A 119 -7.50 13.93 14.30
CA PRO A 119 -8.29 13.46 13.16
C PRO A 119 -9.27 12.40 13.66
N PRO A 120 -10.44 12.31 13.03
CA PRO A 120 -11.43 11.32 13.45
C PRO A 120 -11.22 9.91 12.89
N SER A 121 -11.79 8.94 13.60
CA SER A 121 -11.75 7.57 13.18
C SER A 121 -13.14 7.39 12.56
N VAL A 122 -13.19 6.86 11.35
CA VAL A 122 -14.46 6.65 10.70
C VAL A 122 -14.81 5.16 10.71
N TYR A 123 -16.01 4.85 11.19
CA TYR A 123 -16.45 3.46 11.27
C TYR A 123 -17.67 3.21 10.40
N PRO A 124 -17.63 2.14 9.58
CA PRO A 124 -18.76 1.82 8.71
C PRO A 124 -19.97 1.31 9.49
N LEU A 125 -21.16 1.63 9.00
CA LEU A 125 -22.39 1.18 9.65
C LEU A 125 -23.18 0.35 8.65
N ALA A 126 -23.05 -0.96 8.76
CA ALA A 126 -23.76 -1.86 7.87
C ALA A 126 -24.67 -2.75 8.71
N PRO A 127 -25.80 -3.20 8.11
CA PRO A 127 -26.75 -4.05 8.83
C PRO A 127 -26.14 -5.34 9.37
N GLY A 128 -26.65 -5.81 10.50
CA GLY A 128 -26.12 -7.00 11.14
C GLY A 128 -26.71 -8.29 10.62
N SER A 129 -26.20 -8.73 9.48
CA SER A 129 -26.68 -9.92 8.81
C SER A 129 -27.87 -10.56 9.52
N ALA A 130 -29.05 -10.03 9.22
CA ALA A 130 -30.30 -10.52 9.80
C ALA A 130 -31.39 -9.99 8.87
N VAL A 137 -33.15 -0.21 2.35
CA VAL A 137 -31.80 -0.37 2.92
C VAL A 137 -31.16 0.91 3.47
N THR A 138 -30.93 0.97 4.77
CA THR A 138 -30.23 2.12 5.31
C THR A 138 -28.77 1.86 5.77
N LEU A 139 -27.82 2.68 5.29
CA LEU A 139 -26.41 2.58 5.67
C LEU A 139 -25.94 3.85 6.42
N GLY A 140 -24.73 3.81 6.97
CA GLY A 140 -24.22 4.96 7.69
C GLY A 140 -22.74 4.92 8.04
N CYS A 141 -22.23 5.99 8.65
CA CYS A 141 -20.82 6.06 9.05
C CYS A 141 -20.76 6.72 10.42
N LEU A 142 -19.79 6.29 11.22
CA LEU A 142 -19.60 6.82 12.57
C LEU A 142 -18.25 7.50 12.66
N VAL A 143 -18.27 8.79 12.99
CA VAL A 143 -17.06 9.60 13.09
C VAL A 143 -16.73 9.89 14.55
N LYS A 144 -15.81 9.11 15.13
CA LYS A 144 -15.45 9.28 16.53
C LYS A 144 -14.15 9.96 16.88
N GLY A 145 -14.19 10.71 17.98
CA GLY A 145 -13.03 11.40 18.52
C GLY A 145 -12.23 12.44 17.75
N TYR A 146 -12.90 13.34 17.03
CA TYR A 146 -12.16 14.37 16.30
C TYR A 146 -12.29 15.74 16.98
N PHE A 147 -11.34 16.61 16.71
CA PHE A 147 -11.36 17.96 17.28
C PHE A 147 -10.46 18.90 16.48
N PRO A 148 -10.96 20.10 16.15
CA PRO A 148 -12.32 20.54 16.51
C PRO A 148 -13.27 20.43 15.33
N GLU A 149 -14.43 21.06 15.48
CA GLU A 149 -15.45 21.07 14.43
C GLU A 149 -15.00 21.98 13.29
N PRO A 150 -15.60 21.83 12.09
CA PRO A 150 -16.66 20.86 11.77
C PRO A 150 -16.09 19.69 10.96
N VAL A 151 -16.97 18.89 10.38
CA VAL A 151 -16.57 17.77 9.53
C VAL A 151 -17.60 17.69 8.42
N THR A 152 -17.15 17.41 7.20
CA THR A 152 -18.06 17.33 6.09
C THR A 152 -18.26 15.89 5.71
N VAL A 153 -19.51 15.50 5.50
CA VAL A 153 -19.78 14.13 5.14
C VAL A 153 -20.60 14.01 3.87
N THR A 154 -20.11 13.25 2.88
CA THR A 154 -20.88 13.08 1.67
C THR A 154 -20.85 11.60 1.33
N TRP A 155 -21.78 11.17 0.48
CA TRP A 155 -21.76 9.78 0.10
C TRP A 155 -21.38 9.70 -1.34
N ASN A 156 -20.39 8.84 -1.59
CA ASN A 156 -19.80 8.63 -2.89
C ASN A 156 -19.91 9.90 -3.76
N SER A 157 -19.69 11.02 -3.04
CA SER A 157 -19.71 12.43 -3.48
C SER A 157 -20.90 12.86 -4.37
N GLY A 158 -22.07 12.32 -4.08
CA GLY A 158 -23.25 12.62 -4.86
C GLY A 158 -24.12 11.38 -4.93
N VAL A 164 -29.89 10.25 3.09
CA VAL A 164 -28.79 11.00 3.69
C VAL A 164 -29.20 11.90 4.85
N HIS A 165 -28.62 11.66 6.02
CA HIS A 165 -28.87 12.42 7.24
C HIS A 165 -27.61 12.62 8.11
N THR A 166 -27.02 13.81 8.09
CA THR A 166 -25.82 14.04 8.91
C THR A 166 -26.22 14.76 10.20
N PHE A 167 -26.20 14.01 11.30
CA PHE A 167 -26.57 14.50 12.63
C PHE A 167 -25.53 15.40 13.27
N PRO A 168 -25.99 16.39 14.08
CA PRO A 168 -25.07 17.30 14.74
C PRO A 168 -24.14 16.49 15.66
N ALA A 169 -22.96 17.04 15.92
CA ALA A 169 -21.99 16.36 16.76
C ALA A 169 -22.28 16.53 18.25
N VAL A 170 -21.69 15.65 19.05
CA VAL A 170 -21.82 15.69 20.50
C VAL A 170 -20.39 15.77 21.00
N LEU A 171 -20.15 16.52 22.07
CA LEU A 171 -18.80 16.65 22.59
C LEU A 171 -18.61 16.02 23.95
N GLN A 172 -17.75 15.01 24.00
CA GLN A 172 -17.45 14.32 25.24
C GLN A 172 -15.96 14.07 25.39
N SER A 173 -15.41 14.45 26.53
CA SER A 173 -13.99 14.26 26.81
C SER A 173 -13.10 15.10 25.91
N ASP A 174 -13.68 16.12 25.29
CA ASP A 174 -12.96 17.03 24.41
C ASP A 174 -12.84 16.49 22.97
N LEU A 175 -13.67 15.50 22.65
CA LEU A 175 -13.66 14.91 21.32
C LEU A 175 -15.07 14.91 20.78
N TYR A 176 -15.21 15.13 19.48
CA TYR A 176 -16.53 15.15 18.87
C TYR A 176 -16.83 13.84 18.16
N THR A 177 -18.10 13.45 18.23
CA THR A 177 -18.57 12.25 17.59
C THR A 177 -19.80 12.65 16.78
N LEU A 178 -19.98 12.00 15.64
CA LEU A 178 -21.08 12.31 14.76
C LEU A 178 -21.42 11.08 13.95
N SER A 179 -22.59 11.07 13.34
CA SER A 179 -23.00 9.94 12.51
C SER A 179 -23.83 10.45 11.34
N SER A 180 -23.91 9.65 10.29
CA SER A 180 -24.66 10.02 9.10
C SER A 180 -25.17 8.76 8.42
N SER A 181 -26.46 8.75 8.09
CA SER A 181 -27.04 7.59 7.44
C SER A 181 -27.41 7.90 5.99
N VAL A 182 -27.75 6.85 5.25
CA VAL A 182 -28.13 7.00 3.86
C VAL A 182 -29.05 5.84 3.48
N THR A 183 -30.14 6.16 2.79
CA THR A 183 -31.08 5.13 2.39
C THR A 183 -31.00 4.96 0.88
N VAL A 184 -30.93 3.72 0.43
CA VAL A 184 -30.86 3.40 -0.99
C VAL A 184 -31.52 2.04 -1.27
N PRO A 190 -25.50 -4.65 -1.89
CA PRO A 190 -24.05 -4.73 -2.09
C PRO A 190 -23.68 -4.67 -3.57
N SER A 191 -24.62 -5.02 -4.45
CA SER A 191 -24.39 -5.00 -5.89
C SER A 191 -23.81 -3.66 -6.27
N GLU A 192 -24.59 -2.61 -6.05
CA GLU A 192 -24.14 -1.26 -6.29
C GLU A 192 -23.27 -0.95 -5.06
N THR A 193 -22.39 0.04 -5.18
CA THR A 193 -21.51 0.37 -4.07
C THR A 193 -21.82 1.71 -3.41
N VAL A 194 -21.55 1.80 -2.11
CA VAL A 194 -21.78 3.01 -1.35
C VAL A 194 -20.54 3.27 -0.51
N THR A 195 -20.10 4.51 -0.46
CA THR A 195 -18.92 4.90 0.30
C THR A 195 -19.14 6.28 0.88
N CYS A 196 -18.98 6.41 2.19
CA CYS A 196 -19.15 7.71 2.81
C CYS A 196 -17.79 8.39 2.76
N ASN A 197 -17.80 9.68 2.41
CA ASN A 197 -16.59 10.48 2.30
C ASN A 197 -16.64 11.49 3.42
N VAL A 198 -15.75 11.33 4.39
CA VAL A 198 -15.69 12.24 5.52
C VAL A 198 -14.40 13.04 5.47
N ALA A 199 -14.55 14.36 5.59
CA ALA A 199 -13.41 15.27 5.56
C ALA A 199 -13.35 16.07 6.85
N HIS A 200 -12.14 16.26 7.37
CA HIS A 200 -11.92 17.03 8.60
C HIS A 200 -10.91 18.13 8.27
N PRO A 201 -11.40 19.30 7.83
CA PRO A 201 -10.54 20.43 7.49
C PRO A 201 -9.40 20.70 8.46
N ALA A 202 -9.75 20.90 9.73
CA ALA A 202 -8.76 21.20 10.77
C ALA A 202 -7.45 20.43 10.65
N SER A 203 -7.51 19.11 10.50
CA SER A 203 -6.30 18.31 10.41
C SER A 203 -5.94 17.89 8.98
N SER A 204 -6.57 18.55 8.00
CA SER A 204 -6.31 18.26 6.59
C SER A 204 -6.46 16.77 6.32
N THR A 205 -7.37 16.14 7.05
CA THR A 205 -7.60 14.71 6.90
C THR A 205 -8.87 14.35 6.16
N LYS A 206 -8.77 13.30 5.35
CA LYS A 206 -9.89 12.78 4.60
C LYS A 206 -10.01 11.31 4.94
N VAL A 207 -11.18 10.74 4.70
CA VAL A 207 -11.42 9.32 4.94
C VAL A 207 -12.62 8.96 4.10
N ASP A 208 -12.51 7.84 3.40
CA ASP A 208 -13.60 7.38 2.56
C ASP A 208 -13.76 5.90 2.85
N LYS A 209 -14.72 5.59 3.70
CA LYS A 209 -14.97 4.22 4.11
C LYS A 209 -16.10 3.56 3.36
N LYS A 210 -15.75 2.57 2.53
CA LYS A 210 -16.74 1.82 1.79
C LYS A 210 -17.49 0.99 2.82
N ILE A 211 -18.77 0.72 2.57
CA ILE A 211 -19.56 -0.06 3.51
C ILE A 211 -19.67 -1.47 2.94
N VAL A 212 -19.19 -2.46 3.68
CA VAL A 212 -19.24 -3.83 3.21
C VAL A 212 -20.27 -4.65 3.94
N PRO A 213 -20.88 -5.62 3.26
CA PRO A 213 -21.89 -6.47 3.90
C PRO A 213 -21.29 -7.21 5.10
N ALA B 111 -44.32 7.97 11.20
CA ALA B 111 -43.77 6.62 11.49
C ALA B 111 -42.29 6.56 11.15
N PRO B 112 -41.41 6.72 12.15
CA PRO B 112 -39.96 6.70 11.94
C PRO B 112 -39.46 5.35 11.43
N THR B 113 -38.48 5.40 10.52
CA THR B 113 -37.89 4.18 10.00
C THR B 113 -36.63 3.99 10.83
N VAL B 114 -36.68 3.00 11.71
CA VAL B 114 -35.57 2.69 12.61
C VAL B 114 -34.61 1.68 12.03
N SER B 115 -33.33 1.87 12.31
CA SER B 115 -32.29 0.97 11.85
C SER B 115 -31.23 0.93 12.95
N ILE B 116 -30.79 -0.28 13.28
CA ILE B 116 -29.78 -0.47 14.32
C ILE B 116 -28.52 -1.07 13.71
N PHE B 117 -27.36 -0.66 14.24
CA PHE B 117 -26.11 -1.16 13.72
C PHE B 117 -25.12 -1.59 14.81
N PRO B 118 -24.45 -2.73 14.59
CA PRO B 118 -23.47 -3.29 15.52
C PRO B 118 -22.10 -2.64 15.33
N PRO B 119 -21.19 -2.82 16.29
CA PRO B 119 -19.86 -2.24 16.19
C PRO B 119 -19.12 -2.87 15.01
N SER B 120 -18.30 -2.06 14.33
CA SER B 120 -17.54 -2.57 13.20
C SER B 120 -16.32 -3.29 13.75
N SER B 121 -15.73 -4.17 12.94
CA SER B 121 -14.55 -4.89 13.35
C SER B 121 -13.41 -3.91 13.60
N GLU B 122 -13.32 -2.89 12.74
CA GLU B 122 -12.28 -1.88 12.89
C GLU B 122 -12.32 -1.29 14.31
N GLN B 123 -13.49 -0.81 14.74
CA GLN B 123 -13.62 -0.24 16.07
C GLN B 123 -13.27 -1.26 17.15
N LEU B 124 -13.89 -2.43 17.07
CA LEU B 124 -13.63 -3.51 18.03
C LEU B 124 -12.14 -3.77 18.20
N THR B 125 -11.39 -3.66 17.11
CA THR B 125 -9.95 -3.88 17.15
C THR B 125 -9.29 -2.85 18.07
N SER B 126 -9.87 -1.65 18.13
CA SER B 126 -9.31 -0.59 18.96
C SER B 126 -9.77 -0.68 20.42
N GLY B 127 -10.65 -1.63 20.74
CA GLY B 127 -11.13 -1.79 22.11
C GLY B 127 -12.45 -1.13 22.49
N GLY B 128 -13.15 -0.58 21.50
CA GLY B 128 -14.42 0.07 21.80
C GLY B 128 -15.60 -0.60 21.13
N ALA B 129 -16.81 -0.27 21.57
CA ALA B 129 -18.01 -0.86 20.99
C ALA B 129 -19.19 0.10 21.02
N SER B 130 -19.51 0.65 19.86
CA SER B 130 -20.62 1.57 19.72
C SER B 130 -21.72 0.95 18.87
N VAL B 131 -22.94 1.02 19.38
CA VAL B 131 -24.09 0.51 18.64
C VAL B 131 -24.87 1.75 18.21
N VAL B 132 -25.13 1.84 16.91
CA VAL B 132 -25.83 2.99 16.37
C VAL B 132 -27.26 2.67 15.96
N CYS B 133 -28.16 3.61 16.25
CA CYS B 133 -29.56 3.47 15.91
C CYS B 133 -30.06 4.74 15.24
N PHE B 134 -30.58 4.58 14.02
CA PHE B 134 -31.12 5.71 13.29
C PHE B 134 -32.64 5.67 13.39
N LEU B 135 -33.23 6.81 13.70
CA LEU B 135 -34.68 6.91 13.82
C LEU B 135 -35.21 7.96 12.86
N PRO B 140 -44.03 14.09 13.67
CA PRO B 140 -43.91 14.93 14.86
C PRO B 140 -42.64 14.62 15.65
N LYS B 141 -41.82 15.64 15.85
CA LYS B 141 -40.56 15.52 16.55
C LYS B 141 -40.52 14.63 17.79
N ASP B 142 -41.50 14.78 18.67
CA ASP B 142 -41.54 13.98 19.89
C ASP B 142 -41.25 12.51 19.63
N ILE B 143 -40.17 12.04 20.23
CA ILE B 143 -39.73 10.66 20.10
C ILE B 143 -38.95 10.28 21.36
N ASN B 144 -38.97 9.01 21.71
CA ASN B 144 -38.23 8.55 22.88
C ASN B 144 -37.52 7.24 22.52
N VAL B 145 -36.22 7.18 22.78
CA VAL B 145 -35.44 5.99 22.46
C VAL B 145 -34.96 5.28 23.72
N LYS B 146 -35.18 3.97 23.77
CA LYS B 146 -34.77 3.16 24.91
C LYS B 146 -33.80 2.07 24.43
N TRP B 147 -32.69 1.92 25.14
CA TRP B 147 -31.70 0.91 24.80
C TRP B 147 -31.82 -0.28 25.74
N LYS B 148 -31.68 -1.48 25.18
CA LYS B 148 -31.74 -2.70 25.96
C LYS B 148 -30.58 -3.62 25.63
N ILE B 149 -29.98 -4.19 26.66
CA ILE B 149 -28.89 -5.13 26.49
C ILE B 149 -29.38 -6.40 27.16
N ASP B 150 -29.62 -7.42 26.34
CA ASP B 150 -30.16 -8.69 26.82
C ASP B 150 -31.50 -8.48 27.52
N GLY B 151 -32.27 -7.50 27.03
CA GLY B 151 -33.57 -7.26 27.60
C GLY B 151 -33.72 -6.21 28.69
N SER B 152 -32.67 -5.93 29.46
CA SER B 152 -32.80 -4.91 30.51
C SER B 152 -32.27 -3.57 30.06
N GLU B 153 -32.96 -2.53 30.49
CA GLU B 153 -32.62 -1.16 30.15
C GLU B 153 -31.21 -0.74 30.54
N ARG B 154 -30.57 -0.03 29.62
CA ARG B 154 -29.22 0.49 29.81
C ARG B 154 -29.32 1.99 29.60
N GLN B 155 -28.84 2.77 30.56
CA GLN B 155 -28.92 4.22 30.43
C GLN B 155 -27.58 4.94 30.31
N ASN B 156 -26.55 4.46 31.00
CA ASN B 156 -25.23 5.08 30.94
C ASN B 156 -24.53 4.74 29.63
N GLY B 157 -23.83 5.72 29.07
CA GLY B 157 -23.10 5.51 27.83
C GLY B 157 -23.90 5.78 26.57
N VAL B 158 -25.04 6.45 26.72
CA VAL B 158 -25.87 6.76 25.56
C VAL B 158 -25.76 8.25 25.23
N LEU B 159 -25.58 8.56 23.95
CA LEU B 159 -25.49 9.94 23.49
C LEU B 159 -26.40 10.11 22.28
N ASN B 160 -27.28 11.10 22.36
CA ASN B 160 -28.24 11.33 21.29
C ASN B 160 -27.99 12.59 20.47
N SER B 161 -28.54 12.58 19.26
CA SER B 161 -28.42 13.67 18.30
C SER B 161 -29.71 13.77 17.51
N TRP B 162 -30.18 15.00 17.30
CA TRP B 162 -31.41 15.26 16.56
C TRP B 162 -31.12 16.25 15.43
N THR B 163 -31.82 16.09 14.31
CA THR B 163 -31.64 17.00 13.19
C THR B 163 -32.92 17.80 12.94
N MET B 174 -33.59 11.07 14.01
CA MET B 174 -32.76 11.06 15.22
C MET B 174 -31.76 9.91 15.22
N SER B 175 -30.68 10.08 15.97
CA SER B 175 -29.65 9.06 16.05
C SER B 175 -29.23 8.84 17.50
N SER B 176 -29.26 7.57 17.91
CA SER B 176 -28.88 7.19 19.27
C SER B 176 -27.64 6.31 19.20
N THR B 177 -26.66 6.58 20.06
CA THR B 177 -25.43 5.79 20.07
C THR B 177 -25.00 5.30 21.45
N LEU B 178 -24.95 3.99 21.60
CA LEU B 178 -24.54 3.36 22.84
C LEU B 178 -23.09 2.94 22.73
N THR B 179 -22.21 3.58 23.49
CA THR B 179 -20.79 3.23 23.46
C THR B 179 -20.42 2.42 24.71
N LEU B 180 -19.65 1.36 24.50
CA LEU B 180 -19.22 0.50 25.60
C LEU B 180 -17.81 0.07 25.31
N THR B 181 -17.17 -0.55 26.29
CA THR B 181 -15.82 -1.06 26.05
C THR B 181 -16.07 -2.35 25.30
N LYS B 182 -15.04 -2.88 24.68
CA LYS B 182 -15.15 -4.13 23.96
C LYS B 182 -15.51 -5.25 24.95
N ASP B 183 -14.85 -5.24 26.11
CA ASP B 183 -15.10 -6.24 27.15
C ASP B 183 -16.58 -6.31 27.52
N GLU B 184 -17.20 -5.15 27.66
CA GLU B 184 -18.62 -5.09 28.04
C GLU B 184 -19.50 -5.58 26.90
N TYR B 185 -19.24 -5.09 25.69
CA TYR B 185 -20.01 -5.52 24.53
C TYR B 185 -19.99 -7.04 24.45
N GLU B 186 -18.82 -7.61 24.68
CA GLU B 186 -18.59 -9.06 24.64
C GLU B 186 -19.30 -9.82 25.76
N ARG B 187 -19.89 -9.08 26.68
CA ARG B 187 -20.55 -9.67 27.84
C ARG B 187 -21.99 -10.03 27.57
N HIS B 188 -22.54 -9.51 26.48
CA HIS B 188 -23.94 -9.73 26.16
C HIS B 188 -24.18 -10.17 24.71
N ASN B 189 -25.40 -10.62 24.44
CA ASN B 189 -25.72 -11.11 23.10
C ASN B 189 -26.71 -10.26 22.31
N SER B 190 -27.66 -9.64 23.00
CA SER B 190 -28.67 -8.85 22.32
C SER B 190 -28.64 -7.35 22.64
N TYR B 191 -28.74 -6.54 21.59
CA TYR B 191 -28.76 -5.10 21.72
C TYR B 191 -30.03 -4.61 21.04
N THR B 192 -30.84 -3.87 21.80
CA THR B 192 -32.12 -3.39 21.29
C THR B 192 -32.36 -1.90 21.34
N CYS B 193 -32.81 -1.37 20.20
CA CYS B 193 -33.16 0.04 20.05
C CYS B 193 -34.69 0.04 20.07
N GLU B 194 -35.27 0.66 21.09
CA GLU B 194 -36.72 0.70 21.26
C GLU B 194 -37.21 2.15 21.17
N ALA B 195 -38.04 2.45 20.17
CA ALA B 195 -38.53 3.82 19.98
C ALA B 195 -39.94 4.11 20.51
N THR B 196 -40.03 5.22 21.23
CA THR B 196 -41.26 5.72 21.84
C THR B 196 -42.12 4.62 22.46
N ILE B 204 -41.18 1.38 17.81
CA ILE B 204 -40.92 0.00 17.41
C ILE B 204 -39.56 -0.52 17.87
N VAL B 205 -39.47 -1.83 18.01
CA VAL B 205 -38.25 -2.51 18.47
C VAL B 205 -37.40 -3.13 17.36
N LYS B 206 -36.14 -2.72 17.29
CA LYS B 206 -35.21 -3.26 16.31
C LYS B 206 -33.97 -3.70 17.08
N SER B 207 -33.38 -4.82 16.69
CA SER B 207 -32.20 -5.34 17.41
C SER B 207 -31.36 -6.33 16.63
N PHE B 208 -30.33 -6.85 17.29
CA PHE B 208 -29.44 -7.83 16.68
C PHE B 208 -28.68 -8.61 17.76
N ASN B 209 -28.49 -9.89 17.52
CA ASN B 209 -27.78 -10.76 18.45
C ASN B 209 -26.36 -10.94 17.94
N ARG B 210 -25.38 -10.73 18.82
CA ARG B 210 -23.98 -10.88 18.46
C ARG B 210 -23.75 -12.32 18.03
N ASN B 211 -24.51 -13.23 18.63
CA ASN B 211 -24.37 -14.64 18.31
C ASN B 211 -25.69 -15.16 17.77
N GLN C 1 -4.90 -4.81 -18.21
CA GLN C 1 -5.41 -6.15 -18.60
C GLN C 1 -5.51 -7.07 -17.38
N LEU C 2 -4.51 -7.03 -16.50
CA LEU C 2 -4.51 -7.85 -15.27
C LEU C 2 -4.53 -6.94 -14.04
N LEU C 3 -5.35 -7.25 -13.04
CA LEU C 3 -5.42 -6.41 -11.83
C LEU C 3 -5.69 -7.17 -10.52
N GLU C 4 -4.85 -6.93 -9.51
CA GLU C 4 -4.98 -7.59 -8.21
C GLU C 4 -5.87 -6.82 -7.23
N SER C 5 -6.50 -7.55 -6.31
CA SER C 5 -7.36 -6.97 -5.30
C SER C 5 -7.46 -7.94 -4.13
N GLY C 6 -7.66 -7.42 -2.92
CA GLY C 6 -7.75 -8.27 -1.75
C GLY C 6 -7.12 -7.58 -0.56
N PRO C 7 -7.29 -8.10 0.67
CA PRO C 7 -6.74 -7.52 1.90
C PRO C 7 -5.31 -7.00 1.82
N ASP C 8 -5.06 -5.89 2.51
CA ASP C 8 -3.75 -5.25 2.58
C ASP C 8 -2.95 -6.00 3.64
N LEU C 9 -3.68 -6.43 4.67
CA LEU C 9 -3.12 -7.12 5.81
C LEU C 9 -3.93 -8.34 6.21
N VAL C 10 -3.26 -9.33 6.77
CA VAL C 10 -3.92 -10.53 7.24
C VAL C 10 -3.12 -11.05 8.44
N LYS C 11 -3.81 -11.68 9.38
CA LYS C 11 -3.17 -12.20 10.57
C LYS C 11 -2.62 -13.62 10.38
N PRO C 12 -1.54 -13.94 11.09
CA PRO C 12 -0.89 -15.26 11.03
C PRO C 12 -1.89 -16.42 11.14
N SER C 13 -1.61 -17.47 10.38
CA SER C 13 -2.43 -18.66 10.33
C SER C 13 -3.66 -18.52 9.44
N GLN C 14 -4.08 -17.28 9.18
CA GLN C 14 -5.23 -17.04 8.32
C GLN C 14 -4.95 -17.53 6.90
N SER C 15 -6.02 -17.59 6.11
CA SER C 15 -5.92 -17.98 4.72
C SER C 15 -5.79 -16.63 3.99
N LEU C 16 -5.00 -16.61 2.92
CA LEU C 16 -4.80 -15.39 2.14
C LEU C 16 -5.44 -15.54 0.76
N SER C 17 -6.46 -14.73 0.50
CA SER C 17 -7.17 -14.78 -0.78
C SER C 17 -6.94 -13.50 -1.58
N LEU C 18 -6.59 -13.65 -2.85
CA LEU C 18 -6.39 -12.50 -3.70
C LEU C 18 -7.20 -12.68 -4.95
N THR C 19 -7.62 -11.58 -5.55
CA THR C 19 -8.43 -11.60 -6.75
C THR C 19 -7.71 -10.88 -7.87
N CYS C 20 -7.79 -11.46 -9.06
CA CYS C 20 -7.18 -10.87 -10.24
C CYS C 20 -8.27 -10.76 -11.29
N THR C 21 -8.58 -9.53 -11.66
CA THR C 21 -9.60 -9.28 -12.66
C THR C 21 -8.93 -9.05 -14.00
N VAL C 22 -9.35 -9.85 -14.98
CA VAL C 22 -8.80 -9.77 -16.32
C VAL C 22 -9.81 -9.17 -17.29
N THR C 23 -9.33 -8.23 -18.11
CA THR C 23 -10.17 -7.57 -19.09
C THR C 23 -9.43 -7.58 -20.43
N GLY C 24 -10.19 -7.81 -21.50
CA GLY C 24 -9.60 -7.80 -22.84
C GLY C 24 -9.36 -9.17 -23.43
N TYR C 25 -9.55 -10.21 -22.64
CA TYR C 25 -9.34 -11.57 -23.15
C TYR C 25 -9.96 -12.55 -22.17
N SER C 26 -10.52 -13.63 -22.71
CA SER C 26 -11.15 -14.65 -21.89
C SER C 26 -10.12 -15.64 -21.35
N ILE C 27 -10.16 -15.87 -20.04
CA ILE C 27 -9.23 -16.78 -19.40
C ILE C 27 -9.47 -18.24 -19.80
N THR C 28 -10.52 -18.48 -20.58
CA THR C 28 -10.81 -19.84 -21.05
C THR C 28 -10.38 -20.03 -22.50
N SER C 29 -9.93 -18.95 -23.13
CA SER C 29 -9.48 -19.00 -24.52
C SER C 29 -7.99 -19.30 -24.70
N GLY C 30 -7.17 -18.94 -23.71
CA GLY C 30 -5.74 -19.18 -23.82
C GLY C 30 -4.91 -18.70 -22.64
N TYR C 31 -3.62 -19.03 -22.68
CA TYR C 31 -2.64 -18.66 -21.66
C TYR C 31 -2.77 -19.46 -20.36
N ASN C 32 -1.70 -19.40 -19.56
CA ASN C 32 -1.68 -19.99 -18.23
C ASN C 32 -1.83 -18.76 -17.36
N TRP C 33 -2.57 -18.85 -16.27
CA TRP C 33 -2.77 -17.68 -15.43
C TRP C 33 -2.04 -17.89 -14.11
N HIS C 34 -0.94 -17.13 -13.95
CA HIS C 34 -0.06 -17.26 -12.79
C HIS C 34 -0.25 -16.33 -11.61
N TRP C 35 0.31 -16.78 -10.49
CA TRP C 35 0.33 -15.98 -9.28
C TRP C 35 1.81 -16.02 -8.93
N ILE C 36 2.43 -14.86 -8.87
CA ILE C 36 3.81 -14.81 -8.49
C ILE C 36 3.99 -13.69 -7.48
N ARG C 37 4.95 -13.85 -6.58
CA ARG C 37 5.17 -12.84 -5.56
C ARG C 37 6.62 -12.42 -5.47
N GLN C 38 6.84 -11.24 -4.92
CA GLN C 38 8.19 -10.75 -4.75
C GLN C 38 8.34 -10.35 -3.29
N PHE C 39 9.23 -11.05 -2.60
CA PHE C 39 9.49 -10.82 -1.17
C PHE C 39 10.30 -9.55 -0.92
N PRO C 40 10.25 -9.06 0.34
CA PRO C 40 11.03 -7.85 0.67
C PRO C 40 12.47 -8.32 0.46
N GLY C 41 13.25 -7.57 -0.30
CA GLY C 41 14.61 -8.00 -0.59
C GLY C 41 14.66 -8.36 -2.07
N ASN C 42 13.50 -8.35 -2.70
CA ASN C 42 13.37 -8.61 -4.15
C ASN C 42 13.38 -10.00 -4.74
N LYS C 43 13.41 -11.04 -3.94
CA LYS C 43 13.40 -12.37 -4.51
C LYS C 43 12.03 -12.71 -5.09
N LEU C 44 12.04 -13.24 -6.31
CA LEU C 44 10.83 -13.62 -7.02
C LEU C 44 10.53 -15.11 -6.84
N GLU C 45 9.25 -15.47 -6.91
CA GLU C 45 8.82 -16.84 -6.75
C GLU C 45 7.46 -17.09 -7.41
N TRP C 46 7.43 -18.00 -8.37
CA TRP C 46 6.20 -18.41 -9.06
C TRP C 46 5.48 -19.25 -8.03
N MET C 47 4.22 -18.92 -7.77
CA MET C 47 3.44 -19.66 -6.81
C MET C 47 2.72 -20.80 -7.52
N GLY C 48 2.20 -20.52 -8.71
CA GLY C 48 1.51 -21.54 -9.49
C GLY C 48 0.58 -20.95 -10.52
N TYR C 49 -0.12 -21.80 -11.27
CA TYR C 49 -1.06 -21.27 -12.24
C TYR C 49 -2.23 -22.17 -12.53
N ILE C 50 -3.17 -21.63 -13.32
CA ILE C 50 -4.33 -22.38 -13.74
C ILE C 50 -4.39 -22.24 -15.26
N HIS C 51 -4.37 -23.37 -15.95
CA HIS C 51 -4.41 -23.43 -17.40
C HIS C 51 -5.80 -22.97 -17.90
N TYR C 52 -5.86 -22.41 -19.10
CA TYR C 52 -7.14 -21.97 -19.64
C TYR C 52 -8.15 -23.11 -19.76
N ARG C 53 -7.63 -24.30 -19.99
CA ARG C 53 -8.48 -25.47 -20.11
C ARG C 53 -8.69 -26.17 -18.76
N GLY C 54 -8.48 -25.43 -17.67
CA GLY C 54 -8.71 -25.98 -16.34
C GLY C 54 -7.57 -26.52 -15.51
N THR C 55 -6.58 -27.14 -16.14
CA THR C 55 -5.47 -27.72 -15.40
C THR C 55 -4.80 -26.76 -14.41
N THR C 56 -4.33 -27.31 -13.30
CA THR C 56 -3.68 -26.52 -12.28
C THR C 56 -2.22 -27.04 -12.10
N ASN C 57 -1.29 -26.15 -11.76
CA ASN C 57 0.12 -26.50 -11.56
C ASN C 57 0.70 -25.61 -10.48
N TYR C 58 1.11 -26.20 -9.37
CA TYR C 58 1.61 -25.45 -8.24
C TYR C 58 3.09 -25.55 -7.94
N ASN C 59 3.63 -24.55 -7.25
CA ASN C 59 5.03 -24.57 -6.83
C ASN C 59 5.10 -25.68 -5.79
N THR C 60 6.00 -26.63 -6.01
CA THR C 60 6.19 -27.78 -5.12
C THR C 60 6.22 -27.43 -3.63
N SER C 61 6.93 -26.35 -3.31
CA SER C 61 7.08 -25.94 -1.93
C SER C 61 5.82 -25.36 -1.28
N LEU C 62 4.82 -25.00 -2.08
CA LEU C 62 3.58 -24.42 -1.57
C LEU C 62 2.40 -25.37 -1.71
N LYS C 63 2.65 -26.50 -2.40
CA LYS C 63 1.63 -27.52 -2.69
C LYS C 63 0.57 -27.82 -1.61
N SER C 64 1.00 -27.97 -0.37
CA SER C 64 0.07 -28.28 0.72
C SER C 64 -0.77 -27.11 1.23
N ARG C 65 -0.50 -25.90 0.76
CA ARG C 65 -1.26 -24.75 1.24
C ARG C 65 -1.91 -23.93 0.12
N ILE C 66 -1.60 -24.26 -1.13
CA ILE C 66 -2.13 -23.46 -2.23
C ILE C 66 -3.28 -24.05 -3.02
N SER C 67 -4.06 -23.15 -3.61
CA SER C 67 -5.18 -23.52 -4.46
C SER C 67 -5.46 -22.31 -5.33
N ILE C 68 -5.53 -22.54 -6.63
CA ILE C 68 -5.83 -21.47 -7.58
C ILE C 68 -7.11 -21.85 -8.30
N THR C 69 -8.14 -21.02 -8.15
CA THR C 69 -9.42 -21.26 -8.79
C THR C 69 -9.73 -20.12 -9.75
N ARG C 70 -10.95 -20.08 -10.26
CA ARG C 70 -11.34 -19.03 -11.20
C ARG C 70 -12.85 -18.99 -11.44
N ASP C 71 -13.34 -17.81 -11.78
CA ASP C 71 -14.75 -17.57 -12.05
C ASP C 71 -14.81 -17.08 -13.51
N SER C 72 -15.18 -17.98 -14.41
CA SER C 72 -15.26 -17.62 -15.83
C SER C 72 -16.22 -16.48 -16.12
N SER C 73 -17.45 -16.59 -15.62
CA SER C 73 -18.46 -15.56 -15.86
C SER C 73 -17.96 -14.17 -15.44
N LYS C 74 -17.00 -14.11 -14.54
CA LYS C 74 -16.45 -12.83 -14.11
C LYS C 74 -15.07 -12.61 -14.70
N ASN C 75 -14.55 -13.63 -15.40
CA ASN C 75 -13.23 -13.56 -16.01
C ASN C 75 -12.22 -13.19 -14.92
N GLN C 76 -12.34 -13.88 -13.78
CA GLN C 76 -11.46 -13.67 -12.63
C GLN C 76 -10.90 -15.00 -12.12
N PHE C 77 -9.62 -15.03 -11.78
CA PHE C 77 -9.06 -16.25 -11.22
C PHE C 77 -8.53 -15.87 -9.85
N PHE C 78 -8.45 -16.82 -8.93
CA PHE C 78 -8.01 -16.47 -7.57
C PHE C 78 -6.86 -17.26 -6.99
N LEU C 79 -6.26 -16.68 -5.95
CA LEU C 79 -5.17 -17.30 -5.20
C LEU C 79 -5.65 -17.55 -3.76
N GLN C 80 -5.43 -18.77 -3.28
CA GLN C 80 -5.76 -19.14 -1.91
C GLN C 80 -4.52 -19.77 -1.29
N LEU C 81 -3.93 -19.07 -0.31
CA LEU C 81 -2.74 -19.56 0.39
C LEU C 81 -3.02 -19.61 1.89
N ASN C 82 -3.34 -20.80 2.40
CA ASN C 82 -3.65 -20.97 3.81
C ASN C 82 -2.42 -21.00 4.69
N SER C 83 -2.67 -21.00 6.00
CA SER C 83 -1.63 -21.06 7.02
C SER C 83 -0.45 -20.12 6.79
N VAL C 84 -0.75 -18.86 6.54
CA VAL C 84 0.32 -17.88 6.30
C VAL C 84 1.09 -17.54 7.56
N THR C 85 2.33 -17.11 7.36
CA THR C 85 3.21 -16.68 8.44
C THR C 85 3.75 -15.35 7.93
N THR C 86 4.45 -14.61 8.77
CA THR C 86 5.01 -13.32 8.38
C THR C 86 5.91 -13.44 7.15
N GLU C 87 6.39 -14.65 6.89
CA GLU C 87 7.25 -14.91 5.75
C GLU C 87 6.50 -14.81 4.42
N ASP C 88 5.17 -14.80 4.48
CA ASP C 88 4.33 -14.68 3.30
C ASP C 88 4.12 -13.21 2.94
N THR C 89 4.79 -12.32 3.67
CA THR C 89 4.67 -10.90 3.38
C THR C 89 5.37 -10.66 2.06
N ALA C 90 4.73 -9.92 1.15
CA ALA C 90 5.33 -9.64 -0.16
C ALA C 90 4.38 -8.94 -1.12
N THR C 91 4.91 -8.61 -2.29
CA THR C 91 4.12 -7.99 -3.33
C THR C 91 3.60 -9.16 -4.18
N TYR C 92 2.29 -9.24 -4.31
CA TYR C 92 1.66 -10.32 -5.08
C TYR C 92 1.23 -9.89 -6.47
N TYR C 93 1.73 -10.62 -7.46
CA TYR C 93 1.40 -10.32 -8.84
C TYR C 93 0.62 -11.43 -9.54
N CYS C 94 -0.44 -11.08 -10.25
CA CYS C 94 -1.11 -12.10 -11.01
C CYS C 94 -0.57 -11.85 -12.40
N ALA C 95 -0.55 -12.88 -13.24
CA ALA C 95 -0.01 -12.73 -14.58
C ALA C 95 -0.46 -13.85 -15.50
N CYS C 96 -0.17 -13.68 -16.79
CA CYS C 96 -0.52 -14.70 -17.77
C CYS C 96 0.61 -14.81 -18.80
N ASP C 97 0.80 -16.02 -19.34
CA ASP C 97 1.80 -16.21 -20.37
C ASP C 97 1.53 -17.43 -21.26
N ASP C 98 2.22 -17.45 -22.39
CA ASP C 98 2.07 -18.52 -23.34
C ASP C 98 3.43 -18.80 -23.92
N PHE C 99 4.44 -18.74 -23.07
CA PHE C 99 5.83 -18.99 -23.47
C PHE C 99 6.38 -17.88 -24.37
N TYR C 100 5.62 -17.52 -25.42
CA TYR C 100 6.05 -16.47 -26.36
C TYR C 100 5.88 -15.07 -25.80
N SER C 101 4.97 -14.91 -24.87
CA SER C 101 4.74 -13.58 -24.35
C SER C 101 4.19 -13.64 -22.94
N ASP C 102 4.10 -12.48 -22.28
CA ASP C 102 3.56 -12.44 -20.92
C ASP C 102 2.93 -11.09 -20.56
N TYR C 103 2.06 -11.12 -19.55
CA TYR C 103 1.40 -9.89 -19.08
C TYR C 103 1.31 -9.92 -17.56
N TRP C 104 1.47 -8.75 -16.93
CA TRP C 104 1.44 -8.67 -15.47
C TRP C 104 0.59 -7.53 -14.93
N GLY C 105 -0.09 -7.80 -13.83
CA GLY C 105 -0.88 -6.76 -13.18
C GLY C 105 0.15 -5.89 -12.48
N GLN C 106 -0.28 -4.79 -11.84
CA GLN C 106 0.67 -3.90 -11.17
C GLN C 106 1.10 -4.43 -9.80
N GLY C 107 0.57 -5.58 -9.41
CA GLY C 107 0.91 -6.18 -8.13
C GLY C 107 0.28 -5.49 -6.93
N THR C 108 -0.02 -6.27 -5.90
CA THR C 108 -0.64 -5.75 -4.68
C THR C 108 0.16 -6.24 -3.47
N ILE C 109 0.40 -5.35 -2.52
CA ILE C 109 1.16 -5.68 -1.32
C ILE C 109 0.30 -6.28 -0.20
N VAL C 110 0.76 -7.41 0.32
CA VAL C 110 0.06 -8.09 1.40
C VAL C 110 1.02 -8.29 2.57
N THR C 111 0.60 -7.85 3.75
CA THR C 111 1.41 -8.01 4.95
C THR C 111 0.77 -8.99 5.91
N VAL C 112 1.57 -9.89 6.47
CA VAL C 112 1.05 -10.87 7.44
C VAL C 112 1.58 -10.45 8.79
N SER C 113 0.67 -10.14 9.70
CA SER C 113 1.04 -9.70 11.03
C SER C 113 -0.16 -9.51 11.92
N SER C 114 0.08 -9.40 13.22
CA SER C 114 -1.00 -9.20 14.16
C SER C 114 -1.09 -7.72 14.56
N ALA C 115 -0.10 -6.93 14.17
CA ALA C 115 -0.09 -5.50 14.46
C ALA C 115 -1.32 -4.85 13.84
N LYS C 116 -1.83 -3.80 14.47
CA LYS C 116 -3.02 -3.11 13.98
C LYS C 116 -2.72 -2.04 12.94
N THR C 117 -3.73 -1.76 12.11
CA THR C 117 -3.61 -0.73 11.08
C THR C 117 -3.54 0.62 11.80
N THR C 118 -2.57 1.44 11.40
CA THR C 118 -2.39 2.76 12.01
C THR C 118 -2.19 3.83 10.93
N PRO C 119 -3.05 4.87 10.92
CA PRO C 119 -2.92 5.92 9.92
C PRO C 119 -1.65 6.75 10.15
N PRO C 120 -1.15 7.40 9.09
CA PRO C 120 0.07 8.20 9.23
C PRO C 120 -0.09 9.65 9.68
N SER C 121 0.97 10.15 10.31
CA SER C 121 1.03 11.54 10.75
C SER C 121 1.87 12.23 9.67
N VAL C 122 1.34 13.30 9.09
CA VAL C 122 2.03 14.04 8.04
C VAL C 122 2.61 15.36 8.54
N TYR C 123 3.93 15.43 8.58
CA TYR C 123 4.61 16.63 9.04
C TYR C 123 5.20 17.40 7.87
N PRO C 124 4.76 18.66 7.68
CA PRO C 124 5.24 19.51 6.59
C PRO C 124 6.69 19.93 6.85
N LEU C 125 7.51 19.93 5.80
CA LEU C 125 8.91 20.31 5.95
C LEU C 125 9.25 21.52 5.09
N ALA C 126 9.32 22.69 5.74
CA ALA C 126 9.66 23.94 5.06
C ALA C 126 11.11 24.32 5.33
N PRO C 127 11.79 24.88 4.32
CA PRO C 127 13.20 25.31 4.39
C PRO C 127 13.49 26.19 5.62
N THR C 138 13.59 23.36 -2.14
CA THR C 138 13.35 22.00 -1.67
C THR C 138 12.26 21.97 -0.59
N LEU C 139 11.22 21.18 -0.82
CA LEU C 139 10.13 21.06 0.13
C LEU C 139 10.05 19.64 0.66
N GLY C 140 9.59 19.49 1.90
CA GLY C 140 9.50 18.17 2.50
C GLY C 140 8.10 17.70 2.83
N CYS C 141 8.03 16.50 3.39
CA CYS C 141 6.76 15.87 3.76
C CYS C 141 7.12 14.58 4.48
N LEU C 142 7.22 14.65 5.80
CA LEU C 142 7.58 13.50 6.63
C LEU C 142 6.34 12.69 7.06
N VAL C 143 6.25 11.45 6.58
CA VAL C 143 5.15 10.57 6.92
C VAL C 143 5.65 9.63 8.02
N LYS C 144 4.97 9.63 9.16
CA LYS C 144 5.43 8.82 10.28
C LYS C 144 4.32 8.19 11.13
N GLY C 145 4.51 6.90 11.46
CA GLY C 145 3.54 6.20 12.29
C GLY C 145 2.43 5.42 11.59
N TYR C 146 2.69 4.90 10.39
CA TYR C 146 1.65 4.14 9.70
C TYR C 146 2.01 2.65 9.58
N PHE C 147 0.99 1.85 9.30
CA PHE C 147 1.14 0.40 9.15
C PHE C 147 -0.17 -0.15 8.58
N PRO C 148 -0.08 -1.06 7.60
CA PRO C 148 1.16 -1.58 7.01
C PRO C 148 1.41 -0.83 5.70
N GLU C 149 2.43 -1.23 4.97
CA GLU C 149 2.69 -0.60 3.68
C GLU C 149 1.47 -0.99 2.84
N PRO C 150 1.19 -0.25 1.77
CA PRO C 150 1.95 0.92 1.33
C PRO C 150 1.27 2.24 1.64
N VAL C 151 1.95 3.30 1.23
CA VAL C 151 1.50 4.67 1.34
C VAL C 151 1.90 5.23 -0.02
N THR C 152 1.21 6.26 -0.48
CA THR C 152 1.56 6.89 -1.75
C THR C 152 1.71 8.37 -1.49
N VAL C 153 2.65 9.00 -2.18
CA VAL C 153 2.87 10.42 -2.00
C VAL C 153 2.87 11.14 -3.34
N THR C 154 2.21 12.30 -3.37
CA THR C 154 2.15 13.12 -4.57
C THR C 154 2.12 14.58 -4.15
N TRP C 155 2.56 15.45 -5.06
CA TRP C 155 2.57 16.88 -4.78
C TRP C 155 1.61 17.60 -5.71
N ASN C 156 0.82 18.50 -5.13
CA ASN C 156 -0.16 19.27 -5.87
C ASN C 156 -1.08 18.34 -6.67
N SER C 157 -1.59 17.33 -5.99
CA SER C 157 -2.49 16.35 -6.60
C SER C 157 -1.88 15.67 -7.82
N GLY C 158 -0.58 15.42 -7.77
CA GLY C 158 0.09 14.75 -8.87
C GLY C 158 0.58 15.68 -9.97
N SER C 159 -0.07 16.82 -10.13
CA SER C 159 0.32 17.77 -11.16
C SER C 159 1.80 18.13 -11.04
N LEU C 160 2.27 18.32 -9.81
CA LEU C 160 3.67 18.65 -9.57
C LEU C 160 4.47 17.34 -9.64
N SER C 161 4.36 16.68 -10.79
CA SER C 161 5.00 15.40 -11.05
C SER C 161 6.53 15.37 -11.00
N SER C 162 7.15 16.22 -11.81
CA SER C 162 8.60 16.29 -11.92
C SER C 162 9.34 16.87 -10.70
N GLY C 163 10.58 16.41 -10.52
CA GLY C 163 11.40 16.87 -9.42
C GLY C 163 11.09 16.28 -8.06
N VAL C 164 10.27 15.23 -8.04
CA VAL C 164 9.87 14.59 -6.79
C VAL C 164 10.72 13.40 -6.39
N HIS C 165 10.98 13.27 -5.09
CA HIS C 165 11.75 12.17 -4.55
C HIS C 165 11.08 11.55 -3.32
N THR C 166 10.52 10.36 -3.49
CA THR C 166 9.86 9.64 -2.40
C THR C 166 10.73 8.44 -2.03
N PHE C 167 11.30 8.48 -0.83
CA PHE C 167 12.19 7.44 -0.33
C PHE C 167 11.48 6.24 0.31
N PRO C 168 12.13 5.06 0.24
CA PRO C 168 11.59 3.82 0.81
C PRO C 168 11.36 3.96 2.31
N ALA C 169 10.31 3.32 2.81
CA ALA C 169 9.99 3.40 4.22
C ALA C 169 10.87 2.50 5.07
N VAL C 170 11.11 2.93 6.30
CA VAL C 170 11.93 2.18 7.25
C VAL C 170 10.97 1.68 8.33
N LEU C 171 11.24 0.52 8.89
CA LEU C 171 10.36 -0.05 9.91
C LEU C 171 10.96 0.03 11.31
N GLN C 172 10.40 0.93 12.12
CA GLN C 172 10.83 1.14 13.50
C GLN C 172 9.67 0.81 14.44
N SER C 173 9.78 -0.33 15.14
CA SER C 173 8.76 -0.77 16.08
C SER C 173 7.39 -0.88 15.44
N ASP C 174 7.23 -1.90 14.59
CA ASP C 174 6.00 -2.16 13.86
C ASP C 174 5.35 -0.95 13.20
N LEU C 175 6.14 0.08 12.94
CA LEU C 175 5.62 1.27 12.29
C LEU C 175 6.58 1.71 11.21
N TYR C 176 6.04 2.33 10.16
CA TYR C 176 6.89 2.78 9.07
C TYR C 176 7.00 4.30 8.99
N THR C 177 8.18 4.76 8.61
CA THR C 177 8.43 6.19 8.46
C THR C 177 9.10 6.41 7.10
N LEU C 178 8.55 7.36 6.35
CA LEU C 178 9.05 7.68 5.02
C LEU C 178 9.03 9.19 4.86
N SER C 179 9.53 9.70 3.75
CA SER C 179 9.54 11.14 3.50
C SER C 179 9.67 11.39 2.00
N SER C 180 9.05 12.47 1.55
CA SER C 180 9.12 12.84 0.14
C SER C 180 9.58 14.29 0.01
N SER C 181 10.39 14.55 -1.02
CA SER C 181 10.88 15.90 -1.25
C SER C 181 10.53 16.34 -2.66
N VAL C 182 10.26 17.63 -2.83
CA VAL C 182 9.93 18.17 -4.14
C VAL C 182 10.72 19.45 -4.37
N THR C 183 11.33 19.55 -5.56
CA THR C 183 12.12 20.73 -5.92
C THR C 183 11.38 21.50 -7.00
N VAL C 184 10.98 22.73 -6.67
CA VAL C 184 10.25 23.58 -7.59
C VAL C 184 11.09 24.78 -8.02
N THR C 188 8.40 28.96 -7.88
CA THR C 188 7.00 29.37 -7.74
C THR C 188 6.47 29.10 -6.34
N TRP C 189 7.32 29.33 -5.34
CA TRP C 189 6.93 29.12 -3.95
C TRP C 189 7.64 30.14 -3.05
N PRO C 190 6.93 30.69 -2.07
CA PRO C 190 5.52 30.43 -1.76
C PRO C 190 4.47 31.27 -2.50
N SER C 191 4.80 31.76 -3.68
CA SER C 191 3.84 32.57 -4.43
C SER C 191 2.76 31.64 -5.00
N GLU C 192 3.03 30.34 -4.96
CA GLU C 192 2.10 29.33 -5.45
C GLU C 192 1.92 28.24 -4.38
N THR C 193 0.74 27.65 -4.33
CA THR C 193 0.46 26.61 -3.35
C THR C 193 1.11 25.26 -3.67
N VAL C 194 1.73 24.67 -2.64
CA VAL C 194 2.39 23.38 -2.74
C VAL C 194 1.83 22.47 -1.65
N THR C 195 1.13 21.42 -2.08
CA THR C 195 0.49 20.47 -1.17
C THR C 195 1.00 19.03 -1.37
N CYS C 196 1.35 18.35 -0.28
CA CYS C 196 1.79 16.97 -0.41
C CYS C 196 0.71 16.03 0.09
N ASN C 197 0.15 15.27 -0.84
CA ASN C 197 -0.92 14.33 -0.56
C ASN C 197 -0.41 12.92 -0.21
N VAL C 198 -0.60 12.53 1.04
CA VAL C 198 -0.18 11.21 1.49
C VAL C 198 -1.43 10.34 1.66
N ALA C 199 -1.51 9.28 0.87
CA ALA C 199 -2.64 8.36 0.94
C ALA C 199 -2.21 7.01 1.53
N HIS C 200 -3.02 6.48 2.45
CA HIS C 200 -2.72 5.20 3.08
C HIS C 200 -3.95 4.30 2.96
N PRO C 201 -4.03 3.55 1.85
CA PRO C 201 -5.13 2.62 1.54
C PRO C 201 -5.58 1.73 2.69
N ALA C 202 -4.62 1.12 3.39
CA ALA C 202 -4.92 0.22 4.49
C ALA C 202 -5.89 0.83 5.50
N SER C 203 -5.75 2.12 5.77
CA SER C 203 -6.62 2.81 6.72
C SER C 203 -7.62 3.71 6.01
N SER C 204 -7.56 3.71 4.67
CA SER C 204 -8.45 4.53 3.86
C SER C 204 -8.36 6.00 4.27
N THR C 205 -7.20 6.40 4.75
CA THR C 205 -6.98 7.76 5.18
C THR C 205 -6.24 8.59 4.12
N LYS C 206 -6.22 9.91 4.33
CA LYS C 206 -5.58 10.84 3.43
C LYS C 206 -5.22 12.14 4.16
N VAL C 207 -3.98 12.58 4.01
CA VAL C 207 -3.54 13.80 4.66
C VAL C 207 -2.84 14.71 3.66
N ASP C 208 -3.54 15.73 3.20
CA ASP C 208 -3.00 16.68 2.24
C ASP C 208 -2.46 17.89 2.98
N LYS C 209 -1.22 17.76 3.45
CA LYS C 209 -0.55 18.82 4.19
C LYS C 209 -0.15 19.96 3.24
N LYS C 210 -0.45 21.19 3.64
CA LYS C 210 -0.12 22.36 2.84
C LYS C 210 1.20 22.96 3.32
N ILE C 211 2.17 23.04 2.42
CA ILE C 211 3.48 23.57 2.77
C ILE C 211 3.48 25.11 2.79
N VAL C 212 3.77 25.67 3.96
CA VAL C 212 3.82 27.12 4.13
C VAL C 212 5.08 27.51 4.90
N PRO C 213 5.73 28.62 4.50
CA PRO C 213 6.96 29.12 5.13
C PRO C 213 7.02 28.90 6.64
N ARG C 214 8.18 28.45 7.12
CA ARG C 214 8.38 28.20 8.53
C ARG C 214 9.02 29.40 9.22
N GLU D 1 15.29 -24.47 -4.55
CA GLU D 1 15.96 -25.77 -4.84
C GLU D 1 17.20 -25.53 -5.73
N LEU D 2 17.02 -25.52 -7.04
CA LEU D 2 18.14 -25.26 -7.92
C LEU D 2 18.48 -23.80 -7.72
N VAL D 3 19.76 -23.52 -7.47
CA VAL D 3 20.19 -22.15 -7.27
C VAL D 3 20.71 -21.51 -8.54
N MET D 4 20.39 -20.25 -8.71
CA MET D 4 20.85 -19.48 -9.86
C MET D 4 21.62 -18.30 -9.30
N THR D 5 22.89 -18.21 -9.68
CA THR D 5 23.74 -17.13 -9.22
C THR D 5 23.99 -16.19 -10.38
N GLN D 6 23.53 -14.96 -10.23
CA GLN D 6 23.68 -13.96 -11.27
C GLN D 6 24.84 -13.04 -11.00
N THR D 7 25.64 -12.81 -12.04
CA THR D 7 26.79 -11.92 -11.95
C THR D 7 26.94 -11.15 -13.23
N PRO D 8 27.31 -9.86 -13.12
CA PRO D 8 27.56 -9.17 -11.85
C PRO D 8 26.24 -8.84 -11.15
N ALA D 9 26.22 -8.90 -9.82
CA ALA D 9 25.03 -8.56 -9.06
C ALA D 9 24.72 -7.07 -9.18
N ILE D 10 25.77 -6.27 -9.34
CA ILE D 10 25.68 -4.82 -9.46
C ILE D 10 26.75 -4.32 -10.45
N MET D 11 26.33 -3.55 -11.45
CA MET D 11 27.28 -3.04 -12.44
C MET D 11 26.78 -1.77 -13.08
N SER D 12 27.70 -0.95 -13.54
CA SER D 12 27.35 0.28 -14.23
C SER D 12 27.90 0.17 -15.64
N ALA D 13 27.19 0.76 -16.60
CA ALA D 13 27.59 0.72 -18.00
C ALA D 13 27.28 2.03 -18.71
N SER D 14 28.23 2.52 -19.50
CA SER D 14 28.04 3.77 -20.24
C SER D 14 27.08 3.57 -21.42
N PRO D 15 26.42 4.65 -21.86
CA PRO D 15 25.53 4.43 -23.01
C PRO D 15 26.45 3.97 -24.15
N GLY D 16 26.02 2.95 -24.90
CA GLY D 16 26.82 2.45 -26.00
C GLY D 16 27.78 1.33 -25.64
N GLU D 17 27.91 1.03 -24.35
CA GLU D 17 28.81 -0.04 -23.90
C GLU D 17 28.13 -1.39 -24.14
N LYS D 18 28.89 -2.40 -24.55
CA LYS D 18 28.34 -3.73 -24.74
C LYS D 18 28.32 -4.42 -23.36
N VAL D 19 27.11 -4.75 -22.89
CA VAL D 19 26.89 -5.39 -21.59
C VAL D 19 26.59 -6.90 -21.64
N THR D 20 27.22 -7.67 -20.76
CA THR D 20 26.97 -9.11 -20.68
C THR D 20 26.82 -9.56 -19.23
N MET D 21 25.64 -10.06 -18.90
CA MET D 21 25.38 -10.54 -17.55
C MET D 21 25.18 -12.05 -17.62
N THR D 22 25.64 -12.74 -16.59
CA THR D 22 25.57 -14.20 -16.53
C THR D 22 24.65 -14.78 -15.44
N CYS D 23 24.21 -16.00 -15.68
CA CYS D 23 23.33 -16.74 -14.78
C CYS D 23 23.87 -18.17 -14.79
N SER D 24 24.35 -18.62 -13.65
CA SER D 24 24.91 -19.97 -13.53
C SER D 24 24.04 -20.83 -12.60
N ALA D 25 23.68 -22.01 -13.08
CA ALA D 25 22.83 -22.92 -12.33
C ALA D 25 23.65 -23.93 -11.53
N SER D 26 23.25 -24.16 -10.28
CA SER D 26 23.94 -25.09 -9.42
C SER D 26 23.73 -26.48 -9.99
N SER D 27 22.78 -26.58 -10.91
CA SER D 27 22.46 -27.86 -11.52
C SER D 27 21.88 -27.63 -12.92
N SER D 28 22.17 -28.55 -13.84
CA SER D 28 21.71 -28.46 -15.22
C SER D 28 20.25 -28.10 -15.39
N VAL D 29 20.01 -27.01 -16.12
CA VAL D 29 18.66 -26.55 -16.43
C VAL D 29 18.54 -26.66 -17.95
N SER D 30 17.33 -26.85 -18.45
CA SER D 30 17.13 -26.99 -19.90
C SER D 30 17.18 -25.68 -20.67
N SER D 31 16.93 -24.57 -20.00
CA SER D 31 16.96 -23.26 -20.64
C SER D 31 16.69 -22.18 -19.60
N VAL D 32 16.70 -20.91 -20.01
CA VAL D 32 16.44 -19.86 -19.05
C VAL D 32 15.66 -18.66 -19.60
N HIS D 33 14.76 -18.10 -18.80
CA HIS D 33 14.01 -16.90 -19.18
C HIS D 33 14.68 -15.72 -18.47
N TRP D 34 14.61 -14.55 -19.09
CA TRP D 34 15.16 -13.34 -18.50
C TRP D 34 14.04 -12.34 -18.34
N TYR D 35 13.99 -11.69 -17.17
CA TYR D 35 12.98 -10.68 -16.92
C TYR D 35 13.66 -9.35 -16.58
N GLN D 36 13.03 -8.26 -17.01
CA GLN D 36 13.50 -6.92 -16.74
C GLN D 36 12.47 -6.31 -15.78
N GLN D 37 12.96 -5.53 -14.81
CA GLN D 37 12.09 -4.88 -13.84
C GLN D 37 12.69 -3.54 -13.39
N LYS D 38 11.97 -2.46 -13.65
CA LYS D 38 12.44 -1.15 -13.24
C LYS D 38 11.86 -0.82 -11.88
N SER D 39 12.48 0.14 -11.19
CA SER D 39 12.05 0.53 -9.86
C SER D 39 10.59 0.99 -9.88
N GLY D 40 9.78 0.39 -9.02
CA GLY D 40 8.39 0.76 -8.97
C GLY D 40 7.46 -0.02 -9.88
N THR D 41 8.01 -0.92 -10.70
CA THR D 41 7.14 -1.70 -11.59
C THR D 41 7.33 -3.20 -11.49
N SER D 42 6.45 -3.92 -12.16
CA SER D 42 6.49 -5.37 -12.13
C SER D 42 7.53 -5.91 -13.09
N PRO D 43 7.94 -7.16 -12.87
CA PRO D 43 8.92 -7.78 -13.75
C PRO D 43 8.21 -7.97 -15.10
N LYS D 44 8.98 -8.21 -16.15
CA LYS D 44 8.42 -8.43 -17.47
C LYS D 44 9.46 -9.18 -18.27
N ARG D 45 9.08 -10.32 -18.83
CA ARG D 45 10.02 -11.13 -19.61
C ARG D 45 10.60 -10.35 -20.77
N TRP D 46 11.93 -10.36 -20.86
CA TRP D 46 12.66 -9.63 -21.87
C TRP D 46 13.25 -10.60 -22.88
N ILE D 47 13.56 -11.80 -22.42
CA ILE D 47 14.10 -12.84 -23.29
C ILE D 47 13.52 -14.17 -22.86
N TYR D 48 12.99 -14.93 -23.82
CA TYR D 48 12.40 -16.22 -23.47
C TYR D 48 13.13 -17.39 -24.11
N ASP D 49 13.29 -18.45 -23.31
CA ASP D 49 13.94 -19.66 -23.78
C ASP D 49 15.38 -19.45 -24.18
N THR D 50 16.12 -18.69 -23.35
CA THR D 50 17.54 -18.43 -23.56
C THR D 50 17.94 -17.42 -24.64
N SER D 51 17.30 -17.47 -25.80
CA SER D 51 17.71 -16.60 -26.90
C SER D 51 16.64 -15.85 -27.71
N LYS D 52 15.37 -16.09 -27.42
CA LYS D 52 14.33 -15.43 -28.21
C LYS D 52 13.77 -14.17 -27.60
N LEU D 53 13.50 -13.19 -28.46
CA LEU D 53 12.98 -11.91 -28.03
C LEU D 53 11.48 -11.78 -28.18
N PRO D 54 10.80 -11.29 -27.13
CA PRO D 54 9.35 -11.15 -27.26
C PRO D 54 9.12 -9.90 -28.12
N SER D 55 7.91 -9.74 -28.62
CA SER D 55 7.55 -8.60 -29.45
C SER D 55 7.78 -7.30 -28.69
N GLY D 56 8.41 -6.34 -29.34
CA GLY D 56 8.66 -5.08 -28.68
C GLY D 56 10.01 -4.95 -28.01
N VAL D 57 10.63 -6.06 -27.61
CA VAL D 57 11.93 -5.98 -26.98
C VAL D 57 12.97 -5.58 -28.01
N PRO D 58 13.69 -4.48 -27.75
CA PRO D 58 14.75 -3.93 -28.62
C PRO D 58 15.77 -4.96 -29.06
N GLY D 59 16.19 -4.84 -30.33
CA GLY D 59 17.14 -5.77 -30.92
C GLY D 59 18.54 -5.84 -30.33
N ARG D 60 18.94 -4.83 -29.57
CA ARG D 60 20.27 -4.83 -28.96
C ARG D 60 20.41 -5.90 -27.86
N PHE D 61 19.29 -6.48 -27.45
CA PHE D 61 19.28 -7.52 -26.42
C PHE D 61 19.41 -8.90 -27.06
N SER D 62 20.30 -9.72 -26.51
CA SER D 62 20.46 -11.06 -27.02
C SER D 62 20.64 -12.00 -25.84
N GLY D 63 20.68 -13.29 -26.10
CA GLY D 63 20.82 -14.25 -25.02
C GLY D 63 21.35 -15.54 -25.57
N SER D 64 22.15 -16.22 -24.76
CA SER D 64 22.75 -17.50 -25.16
C SER D 64 23.07 -18.25 -23.90
N GLY D 65 23.37 -19.53 -24.03
CA GLY D 65 23.68 -20.33 -22.86
C GLY D 65 23.26 -21.76 -23.05
N SER D 66 23.71 -22.61 -22.13
CA SER D 66 23.40 -24.02 -22.20
C SER D 66 23.89 -24.73 -20.93
N GLY D 67 23.24 -25.85 -20.62
CA GLY D 67 23.60 -26.62 -19.44
C GLY D 67 23.43 -25.90 -18.12
N THR D 68 24.50 -25.25 -17.66
CA THR D 68 24.43 -24.55 -16.38
C THR D 68 24.88 -23.10 -16.47
N SER D 69 25.21 -22.63 -17.67
CA SER D 69 25.68 -21.26 -17.82
C SER D 69 24.95 -20.53 -18.96
N TYR D 70 24.32 -19.41 -18.62
CA TYR D 70 23.57 -18.61 -19.59
C TYR D 70 23.94 -17.13 -19.48
N SER D 71 23.66 -16.38 -20.55
CA SER D 71 23.94 -14.95 -20.54
C SER D 71 22.93 -14.14 -21.35
N LEU D 72 22.85 -12.86 -21.01
CA LEU D 72 22.01 -11.88 -21.66
C LEU D 72 22.96 -10.75 -22.02
N THR D 73 22.92 -10.36 -23.29
CA THR D 73 23.80 -9.31 -23.79
C THR D 73 23.03 -8.13 -24.37
N ILE D 74 23.61 -6.95 -24.23
CA ILE D 74 23.04 -5.74 -24.78
C ILE D 74 24.15 -5.21 -25.66
N SER D 75 23.97 -5.34 -26.97
CA SER D 75 24.98 -4.91 -27.95
C SER D 75 25.52 -3.51 -27.64
N SER D 76 24.60 -2.58 -27.46
CA SER D 76 24.93 -1.19 -27.17
C SER D 76 23.93 -0.63 -26.16
N MET D 77 24.40 -0.47 -24.92
CA MET D 77 23.58 0.03 -23.81
C MET D 77 22.86 1.37 -24.05
N GLU D 78 21.65 1.48 -23.51
CA GLU D 78 20.88 2.72 -23.60
C GLU D 78 20.37 3.00 -22.18
N ALA D 79 20.16 4.28 -21.86
CA ALA D 79 19.71 4.67 -20.54
C ALA D 79 18.49 3.89 -20.05
N GLU D 80 17.49 3.75 -20.93
CA GLU D 80 16.26 3.03 -20.57
C GLU D 80 16.50 1.56 -20.25
N ASP D 81 17.73 1.08 -20.48
CA ASP D 81 18.08 -0.31 -20.17
C ASP D 81 18.48 -0.48 -18.70
N ALA D 82 18.65 0.63 -17.98
CA ALA D 82 19.03 0.59 -16.55
C ALA D 82 17.86 -0.06 -15.82
N ALA D 83 18.13 -1.17 -15.15
CA ALA D 83 17.08 -1.89 -14.46
C ALA D 83 17.72 -3.12 -13.84
N THR D 84 16.91 -3.95 -13.21
CA THR D 84 17.41 -5.19 -12.64
C THR D 84 16.83 -6.33 -13.50
N TYR D 85 17.70 -7.26 -13.90
CA TYR D 85 17.30 -8.39 -14.72
C TYR D 85 17.42 -9.67 -13.90
N TYR D 86 16.37 -10.49 -13.96
CA TYR D 86 16.34 -11.75 -13.22
C TYR D 86 16.24 -12.89 -14.20
N CYS D 87 17.02 -13.95 -13.99
CA CYS D 87 16.93 -15.11 -14.85
C CYS D 87 16.04 -16.11 -14.12
N GLN D 88 15.53 -17.08 -14.85
CA GLN D 88 14.65 -18.08 -14.26
C GLN D 88 14.71 -19.38 -15.05
N GLN D 89 14.66 -20.48 -14.34
CA GLN D 89 14.68 -21.79 -14.96
C GLN D 89 13.35 -22.40 -14.57
N TRP D 90 12.85 -23.30 -15.40
CA TRP D 90 11.58 -23.94 -15.09
C TRP D 90 11.57 -25.42 -15.39
N SER D 91 12.73 -25.99 -15.73
CA SER D 91 12.83 -27.43 -16.01
C SER D 91 12.70 -28.24 -14.73
N SER D 92 12.70 -27.54 -13.59
CA SER D 92 12.52 -28.17 -12.29
C SER D 92 11.59 -27.27 -11.47
N ASN D 93 10.86 -27.89 -10.55
CA ASN D 93 9.92 -27.22 -9.68
C ASN D 93 10.43 -27.31 -8.23
N PRO D 94 10.60 -26.15 -7.56
CA PRO D 94 10.35 -24.80 -8.05
C PRO D 94 11.22 -24.28 -9.19
N PRO D 95 10.58 -23.57 -10.15
CA PRO D 95 11.21 -22.98 -11.33
C PRO D 95 11.82 -21.65 -10.87
N THR D 96 12.80 -21.78 -9.99
CA THR D 96 13.49 -20.67 -9.36
C THR D 96 14.08 -19.55 -10.21
N PHE D 97 14.11 -18.37 -9.60
CA PHE D 97 14.65 -17.15 -10.18
C PHE D 97 16.00 -16.83 -9.51
N GLY D 98 16.85 -16.09 -10.22
CA GLY D 98 18.13 -15.70 -9.66
C GLY D 98 17.86 -14.48 -8.80
N ALA D 99 18.88 -13.95 -8.12
CA ALA D 99 18.68 -12.79 -7.26
C ALA D 99 18.74 -11.51 -8.06
N GLY D 100 19.14 -11.62 -9.32
CA GLY D 100 19.17 -10.45 -10.18
C GLY D 100 20.50 -9.74 -10.38
N THR D 101 20.57 -8.99 -11.46
CA THR D 101 21.72 -8.20 -11.83
C THR D 101 21.16 -6.79 -11.90
N LYS D 102 21.66 -5.89 -11.06
CA LYS D 102 21.18 -4.52 -11.09
C LYS D 102 22.08 -3.75 -12.04
N LEU D 103 21.50 -3.32 -13.15
CA LEU D 103 22.24 -2.61 -14.18
C LEU D 103 21.95 -1.12 -14.15
N GLU D 104 22.97 -0.33 -13.90
CA GLU D 104 22.77 1.10 -13.83
C GLU D 104 23.52 1.78 -14.96
N VAL D 105 23.11 3.00 -15.30
CA VAL D 105 23.73 3.74 -16.38
C VAL D 105 24.70 4.76 -15.80
N LYS D 106 25.82 4.94 -16.50
CA LYS D 106 26.82 5.92 -16.07
C LYS D 106 26.35 7.27 -16.57
N ARG D 107 26.85 8.31 -15.93
CA ARG D 107 26.54 9.68 -16.30
C ARG D 107 27.56 10.57 -15.59
N ALA D 108 27.62 11.84 -15.97
CA ALA D 108 28.58 12.75 -15.37
C ALA D 108 28.39 12.90 -13.85
N ASP D 109 29.50 12.93 -13.13
CA ASP D 109 29.44 13.10 -11.68
C ASP D 109 28.59 14.31 -11.36
N ALA D 110 27.92 14.29 -10.23
CA ALA D 110 27.08 15.41 -9.84
C ALA D 110 27.03 15.50 -8.33
N ALA D 111 27.45 16.64 -7.80
CA ALA D 111 27.46 16.87 -6.37
C ALA D 111 26.03 16.81 -5.85
N PRO D 112 25.84 16.35 -4.62
CA PRO D 112 24.49 16.26 -4.06
C PRO D 112 23.98 17.62 -3.60
N THR D 113 22.67 17.82 -3.69
CA THR D 113 22.03 19.04 -3.24
C THR D 113 21.59 18.69 -1.82
N VAL D 114 22.20 19.33 -0.82
CA VAL D 114 21.84 19.04 0.56
C VAL D 114 20.79 20.02 1.08
N SER D 115 19.90 19.51 1.93
CA SER D 115 18.83 20.29 2.52
C SER D 115 18.55 19.73 3.90
N ILE D 116 18.28 20.60 4.87
CA ILE D 116 17.99 20.17 6.23
C ILE D 116 16.71 20.84 6.69
N PHE D 117 15.88 20.09 7.43
CA PHE D 117 14.63 20.65 7.92
C PHE D 117 14.45 20.41 9.41
N PRO D 118 14.26 21.48 10.18
CA PRO D 118 14.06 21.36 11.63
C PRO D 118 12.67 20.79 11.90
N PRO D 119 12.48 20.14 13.06
CA PRO D 119 11.19 19.56 13.42
C PRO D 119 10.00 20.45 13.05
N SER D 120 8.85 19.82 12.82
CA SER D 120 7.64 20.55 12.45
C SER D 120 6.89 21.04 13.69
N SER D 121 6.11 22.10 13.51
CA SER D 121 5.33 22.68 14.59
C SER D 121 4.47 21.62 15.27
N GLU D 122 4.15 20.56 14.53
CA GLU D 122 3.32 19.47 15.04
C GLU D 122 4.04 18.33 15.76
N GLN D 123 5.03 17.75 15.09
CA GLN D 123 5.77 16.63 15.69
C GLN D 123 6.23 16.93 17.12
N LEU D 124 6.56 18.19 17.37
CA LEU D 124 7.01 18.59 18.70
C LEU D 124 5.89 18.49 19.74
N THR D 125 4.66 18.44 19.27
CA THR D 125 3.48 18.38 20.16
C THR D 125 3.15 17.00 20.75
N SER D 126 3.56 15.93 20.08
CA SER D 126 3.24 14.59 20.56
C SER D 126 4.30 13.78 21.31
N GLY D 127 5.57 14.21 21.26
CA GLY D 127 6.58 13.46 21.99
C GLY D 127 7.96 13.28 21.39
N GLY D 128 8.08 13.29 20.07
CA GLY D 128 9.38 13.11 19.45
C GLY D 128 9.82 14.23 18.53
N ALA D 129 11.06 14.16 18.06
CA ALA D 129 11.60 15.18 17.17
C ALA D 129 12.41 14.53 16.04
N SER D 130 12.08 14.90 14.80
CA SER D 130 12.77 14.35 13.63
C SER D 130 13.37 15.42 12.72
N VAL D 131 14.69 15.38 12.58
CA VAL D 131 15.38 16.32 11.71
C VAL D 131 15.73 15.59 10.40
N VAL D 132 15.13 16.05 9.31
CA VAL D 132 15.35 15.42 8.00
C VAL D 132 16.27 16.22 7.06
N CYS D 133 17.18 15.50 6.41
CA CYS D 133 18.15 16.10 5.48
C CYS D 133 18.16 15.39 4.13
N PHE D 134 17.72 16.10 3.09
CA PHE D 134 17.68 15.56 1.73
C PHE D 134 18.92 15.87 0.91
N LEU D 135 19.52 14.83 0.34
CA LEU D 135 20.69 14.96 -0.52
C LEU D 135 20.23 14.43 -1.86
N ASN D 136 19.84 15.34 -2.74
CA ASN D 136 19.29 14.95 -4.02
C ASN D 136 20.10 15.16 -5.31
N ASN D 137 19.88 14.21 -6.22
CA ASN D 137 20.50 14.15 -7.54
C ASN D 137 22.03 14.18 -7.57
N PHE D 138 22.65 13.12 -7.07
CA PHE D 138 24.11 13.05 -7.10
C PHE D 138 24.62 11.77 -7.74
N TYR D 139 25.76 11.87 -8.42
CA TYR D 139 26.39 10.73 -9.08
C TYR D 139 27.90 10.85 -8.91
N PRO D 140 28.59 9.73 -8.57
CA PRO D 140 28.07 8.38 -8.33
C PRO D 140 27.24 8.25 -7.04
N LYS D 141 26.87 7.03 -6.70
CA LYS D 141 26.03 6.79 -5.53
C LYS D 141 26.77 6.69 -4.20
N ASP D 142 28.09 6.60 -4.24
CA ASP D 142 28.85 6.53 -2.99
C ASP D 142 28.75 7.89 -2.30
N ILE D 143 28.20 7.91 -1.10
CA ILE D 143 28.05 9.16 -0.37
C ILE D 143 27.98 8.90 1.13
N ASN D 144 28.58 9.80 1.90
CA ASN D 144 28.59 9.65 3.35
C ASN D 144 28.03 10.88 4.06
N VAL D 145 27.00 10.66 4.87
CA VAL D 145 26.35 11.74 5.61
C VAL D 145 26.76 11.77 7.09
N LYS D 146 26.94 12.97 7.63
CA LYS D 146 27.34 13.14 9.01
C LYS D 146 26.46 14.18 9.70
N TRP D 147 26.11 13.92 10.96
CA TRP D 147 25.28 14.84 11.74
C TRP D 147 26.03 15.51 12.89
N LYS D 148 26.21 16.82 12.78
CA LYS D 148 26.90 17.61 13.81
C LYS D 148 25.88 18.29 14.73
N ASN D 156 22.35 8.62 18.56
CA ASN D 156 21.89 7.85 17.40
C ASN D 156 20.52 8.34 16.95
N GLY D 157 19.70 7.39 16.52
CA GLY D 157 18.36 7.72 16.07
C GLY D 157 18.33 8.18 14.62
N VAL D 158 19.37 7.80 13.86
CA VAL D 158 19.44 8.18 12.46
C VAL D 158 19.01 7.06 11.53
N LEU D 159 18.00 7.32 10.72
CA LEU D 159 17.52 6.34 9.76
C LEU D 159 17.73 6.88 8.35
N ASN D 160 18.54 6.18 7.58
CA ASN D 160 18.83 6.59 6.21
C ASN D 160 18.04 5.74 5.22
N SER D 161 17.69 6.35 4.11
CA SER D 161 16.92 5.70 3.06
C SER D 161 17.46 6.19 1.73
N TRP D 162 17.61 5.28 0.77
CA TRP D 162 18.13 5.65 -0.55
C TRP D 162 17.12 5.35 -1.65
N THR D 163 17.26 6.05 -2.77
CA THR D 163 16.39 5.84 -3.91
C THR D 163 17.19 5.18 -5.00
N ASP D 164 16.51 4.48 -5.89
CA ASP D 164 17.15 3.81 -7.00
C ASP D 164 17.50 4.89 -8.00
N GLN D 165 18.34 4.57 -8.97
CA GLN D 165 18.73 5.54 -9.99
C GLN D 165 17.50 6.19 -10.63
N ASP D 166 17.51 7.51 -10.70
CA ASP D 166 16.41 8.27 -11.27
C ASP D 166 16.16 7.90 -12.72
N SER D 167 14.90 7.73 -13.09
CA SER D 167 14.55 7.35 -14.46
C SER D 167 14.73 8.50 -15.45
N LYS D 168 14.77 9.73 -14.96
CA LYS D 168 14.94 10.88 -15.85
C LYS D 168 16.36 11.44 -15.96
N ASP D 169 17.06 11.60 -14.85
CA ASP D 169 18.42 12.16 -14.93
C ASP D 169 19.54 11.21 -14.48
N SER D 170 19.15 10.00 -14.07
CA SER D 170 20.11 8.98 -13.66
C SER D 170 20.95 9.28 -12.44
N THR D 171 20.44 10.14 -11.55
CA THR D 171 21.16 10.48 -10.33
C THR D 171 20.62 9.64 -9.16
N TYR D 172 21.25 9.80 -8.01
CA TYR D 172 20.85 9.08 -6.80
C TYR D 172 20.54 10.10 -5.70
N SER D 173 19.59 9.74 -4.83
CA SER D 173 19.19 10.62 -3.72
C SER D 173 19.19 9.87 -2.39
N MET D 174 19.36 10.63 -1.31
CA MET D 174 19.40 10.05 0.01
C MET D 174 18.69 10.93 1.04
N SER D 175 18.10 10.26 2.03
CA SER D 175 17.39 10.94 3.10
C SER D 175 17.90 10.40 4.42
N SER D 176 18.31 11.29 5.31
CA SER D 176 18.81 10.87 6.62
C SER D 176 17.83 11.47 7.64
N THR D 177 17.61 10.75 8.73
CA THR D 177 16.69 11.23 9.76
C THR D 177 17.24 11.00 11.16
N LEU D 178 17.23 12.04 11.98
CA LEU D 178 17.74 11.92 13.34
C LEU D 178 16.58 11.82 14.33
N THR D 192 23.25 20.04 12.45
CA THR D 192 23.94 20.28 11.19
C THR D 192 24.10 19.00 10.38
N CYS D 193 23.82 19.09 9.08
CA CYS D 193 23.92 17.96 8.17
C CYS D 193 25.16 18.10 7.28
N GLU D 194 26.02 17.08 7.29
CA GLU D 194 27.25 17.10 6.49
C GLU D 194 27.34 15.96 5.48
N ALA D 195 27.60 16.31 4.22
CA ALA D 195 27.69 15.33 3.15
C ALA D 195 29.05 15.29 2.45
N THR D 196 29.58 14.08 2.28
CA THR D 196 30.86 13.88 1.62
C THR D 196 30.68 13.06 0.34
N HIS D 197 31.08 13.65 -0.79
CA HIS D 197 30.94 12.99 -2.09
C HIS D 197 32.19 13.30 -2.90
N LYS D 198 32.64 12.35 -3.71
CA LYS D 198 33.85 12.52 -4.52
C LYS D 198 33.86 13.78 -5.37
N THR D 199 32.69 14.40 -5.55
CA THR D 199 32.61 15.62 -6.34
C THR D 199 33.33 16.80 -5.69
N SER D 200 33.82 16.59 -4.47
CA SER D 200 34.56 17.62 -3.73
C SER D 200 35.27 17.05 -2.52
N THR D 201 36.36 17.69 -2.11
CA THR D 201 37.13 17.23 -0.96
C THR D 201 36.60 17.79 0.36
N SER D 202 35.90 18.92 0.28
CA SER D 202 35.31 19.55 1.47
C SER D 202 33.81 19.31 1.45
N PRO D 203 33.27 18.69 2.51
CA PRO D 203 31.84 18.39 2.65
C PRO D 203 30.92 19.49 2.14
N ILE D 204 29.72 19.11 1.74
CA ILE D 204 28.75 20.07 1.25
C ILE D 204 27.60 20.17 2.24
OAB END E . 5.30 -26.93 -15.09
CAP END E . 6.32 -25.94 -15.20
CAF END E . 6.28 -25.25 -16.58
CAG END E . 6.39 -23.93 -16.97
CAQ END E . 6.54 -22.74 -16.27
OAM END E . 5.82 -21.63 -16.82
CAX END E . 6.44 -20.43 -16.33
CAR END E . 5.89 -19.19 -17.05
OAC END E . 6.34 -19.24 -18.41
CAW END E . 6.38 -17.87 -16.44
OAL END E . 5.54 -16.95 -17.15
CAH END E . 5.40 -15.59 -16.76
CAD END E . 5.82 -14.99 -15.57
CAE END E . 6.49 -15.51 -14.48
CAJ END E . 6.95 -16.81 -14.25
CAU END E . 6.16 -17.92 -14.93
OAO END E . 6.80 -19.08 -14.38
CAV END E . 6.24 -20.32 -14.83
CAK END E . 6.98 -21.47 -14.17
CAT END E . 6.49 -22.80 -14.75
OAN END E . 7.23 -23.90 -14.22
CAS END E . 6.31 -24.98 -14.01
CAI END E . 6.70 -25.78 -12.76
OAA END E . 8.02 -26.30 -12.91
#